data_7QNI
#
_entry.id   7QNI
#
_cell.length_a   55.412
_cell.length_b   108.360
_cell.length_c   123.902
_cell.angle_alpha   90.000
_cell.angle_beta   90.000
_cell.angle_gamma   90.000
#
_symmetry.space_group_name_H-M   'C 2 2 21'
#
loop_
_entity.id
_entity.type
_entity.pdbx_description
1 polymer 'Lactaldehyde reductase'
2 non-polymer 'CITRIC ACID'
3 water water
#
_entity_poly.entity_id   1
_entity_poly.type   'polypeptide(L)'
_entity_poly.pdbx_seq_one_letter_code
;MMANRMILNETAWFGRGAVGALTDEVKRRGYQKALIVTDKTLVQCGVVAKVTDKMDAAGLAWAIYDGVVPNPTITVVKEG
LGVFQNSGADYLIAIGGGSPQDTCKAIGIISNNPEFADVRSLEGLSPTNKPSVPILAIPTTAGTAAEVTINYVITDEEKR
RKFVCVDPHDIPQVAFIDADMMDGMPPALKAATGVDALTHAIEGYITRGAWALTDALHIKAIEIIAGALRGSVAGDKDAG
EEMALGQYVAGMGFSNVGVGLVHGMAHPLGAFYNTPHGVANAILLPHVMRYNADFTGEKYRDIARVMGVKVEGMGLEEAR
NAAVEAVFALNRDVGIPPHLRDVGVRKEDIPALAQAALDDVCTGGNPREATLEDIVELYHTAWTSHHHHH
;
_entity_poly.pdbx_strand_id   AAA
#
# COMPACT_ATOMS: atom_id res chain seq x y z
N MET A 2 -5.06 16.60 -21.36
CA MET A 2 -4.68 15.92 -20.08
C MET A 2 -5.94 15.72 -19.23
N ALA A 3 -6.79 14.76 -19.62
CA ALA A 3 -7.90 14.26 -18.78
C ALA A 3 -7.31 13.42 -17.63
N ASN A 4 -7.94 13.45 -16.47
CA ASN A 4 -7.51 12.65 -15.29
C ASN A 4 -8.38 11.41 -15.19
N ARG A 5 -7.78 10.25 -14.91
CA ARG A 5 -8.51 8.99 -14.69
C ARG A 5 -8.45 8.63 -13.21
N MET A 6 -9.57 8.16 -12.67
CA MET A 6 -9.65 7.55 -11.33
C MET A 6 -10.15 6.11 -11.49
N ILE A 7 -9.41 5.14 -10.97
CA ILE A 7 -9.83 3.72 -10.86
C ILE A 7 -9.92 3.38 -9.37
N LEU A 8 -11.08 2.88 -8.95
CA LEU A 8 -11.41 2.56 -7.54
C LEU A 8 -12.14 1.22 -7.48
N ASN A 9 -12.21 0.63 -6.29
CA ASN A 9 -13.09 -0.53 -6.03
C ASN A 9 -14.52 -0.01 -6.17
N GLU A 10 -15.34 -0.70 -6.96
CA GLU A 10 -16.75 -0.32 -7.20
C GLU A 10 -17.50 -0.34 -5.86
N THR A 11 -17.18 -1.29 -5.00
CA THR A 11 -17.83 -1.45 -3.66
C THR A 11 -16.74 -1.65 -2.61
N ALA A 12 -16.90 -1.01 -1.46
CA ALA A 12 -16.01 -1.23 -0.30
C ALA A 12 -16.86 -1.15 0.97
N TRP A 13 -16.54 -2.02 1.92
CA TRP A 13 -17.18 -2.09 3.26
C TRP A 13 -16.11 -1.83 4.31
N PHE A 14 -16.45 -1.03 5.33
CA PHE A 14 -15.51 -0.50 6.33
C PHE A 14 -16.06 -0.68 7.75
N GLY A 15 -15.21 -1.13 8.67
CA GLY A 15 -15.49 -1.18 10.11
C GLY A 15 -15.15 -2.53 10.69
N ARG A 16 -14.98 -2.59 12.01
CA ARG A 16 -14.87 -3.90 12.71
C ARG A 16 -16.15 -4.66 12.42
N GLY A 17 -16.04 -5.91 11.95
CA GLY A 17 -17.19 -6.75 11.59
C GLY A 17 -17.66 -6.57 10.16
N ALA A 18 -16.96 -5.75 9.35
CA ALA A 18 -17.31 -5.48 7.93
C ALA A 18 -17.28 -6.79 7.12
N VAL A 19 -16.45 -7.76 7.50
CA VAL A 19 -16.38 -9.06 6.76
C VAL A 19 -17.75 -9.76 6.85
N GLY A 20 -18.56 -9.42 7.86
CA GLY A 20 -19.95 -9.89 8.00
C GLY A 20 -20.81 -9.54 6.79
N ALA A 21 -20.48 -8.47 6.07
CA ALA A 21 -21.21 -8.02 4.87
C ALA A 21 -20.95 -8.97 3.68
N LEU A 22 -19.94 -9.85 3.74
CA LEU A 22 -19.58 -10.72 2.60
C LEU A 22 -20.75 -11.64 2.22
N THR A 23 -21.44 -12.27 3.19
CA THR A 23 -22.45 -13.30 2.88
C THR A 23 -23.63 -12.65 2.14
N ASP A 24 -24.07 -11.47 2.57
CA ASP A 24 -25.17 -10.74 1.88
C ASP A 24 -24.70 -10.29 0.49
N GLU A 25 -23.46 -9.83 0.33
CA GLU A 25 -22.92 -9.46 -1.01
C GLU A 25 -22.98 -10.67 -1.94
N VAL A 26 -22.50 -11.82 -1.49
CA VAL A 26 -22.39 -13.04 -2.36
C VAL A 26 -23.80 -13.46 -2.77
N LYS A 27 -24.75 -13.44 -1.83
CA LYS A 27 -26.15 -13.84 -2.11
C LYS A 27 -26.73 -12.92 -3.18
N ARG A 28 -26.61 -11.60 -3.02
CA ARG A 28 -27.20 -10.61 -3.95
C ARG A 28 -26.53 -10.77 -5.33
N ARG A 29 -25.26 -11.15 -5.37
CA ARG A 29 -24.48 -11.29 -6.63
C ARG A 29 -24.78 -12.63 -7.32
N GLY A 30 -25.44 -13.56 -6.63
CA GLY A 30 -25.84 -14.85 -7.24
C GLY A 30 -24.70 -15.84 -7.45
N TYR A 31 -23.46 -15.51 -7.04
CA TYR A 31 -22.28 -16.39 -7.26
C TYR A 31 -22.53 -17.78 -6.67
N GLN A 32 -22.05 -18.83 -7.36
CA GLN A 32 -22.29 -20.23 -6.98
C GLN A 32 -21.29 -20.70 -5.92
N LYS A 33 -19.99 -20.37 -6.05
CA LYS A 33 -18.94 -20.99 -5.21
C LYS A 33 -17.63 -20.19 -5.26
N ALA A 34 -17.08 -19.91 -4.09
CA ALA A 34 -15.81 -19.15 -3.89
C ALA A 34 -14.64 -20.10 -4.08
N LEU A 35 -13.55 -19.63 -4.70
CA LEU A 35 -12.19 -20.11 -4.37
C LEU A 35 -11.54 -19.07 -3.44
N ILE A 36 -11.28 -19.46 -2.19
CA ILE A 36 -10.50 -18.68 -1.20
C ILE A 36 -9.01 -18.87 -1.53
N VAL A 37 -8.32 -17.76 -1.77
CA VAL A 37 -6.86 -17.75 -2.07
C VAL A 37 -6.15 -17.11 -0.87
N THR A 38 -5.22 -17.83 -0.25
CA THR A 38 -4.61 -17.44 1.04
C THR A 38 -3.33 -18.25 1.23
N ASP A 39 -2.71 -18.16 2.41
CA ASP A 39 -1.50 -18.96 2.73
C ASP A 39 -1.81 -19.85 3.94
N LYS A 40 -0.92 -20.81 4.20
CA LYS A 40 -1.06 -21.86 5.25
C LYS A 40 -1.19 -21.19 6.62
N THR A 41 -0.42 -20.12 6.85
CA THR A 41 -0.32 -19.40 8.14
C THR A 41 -1.70 -18.89 8.58
N LEU A 42 -2.42 -18.22 7.67
CA LEU A 42 -3.76 -17.65 7.97
C LEU A 42 -4.77 -18.79 8.19
N VAL A 43 -4.60 -19.94 7.55
CA VAL A 43 -5.46 -21.14 7.83
C VAL A 43 -5.12 -21.62 9.26
N GLN A 44 -3.84 -21.82 9.55
CA GLN A 44 -3.35 -22.42 10.83
C GLN A 44 -3.82 -21.57 12.02
N CYS A 45 -3.79 -20.23 11.92
CA CYS A 45 -4.09 -19.27 13.02
CA CYS A 45 -4.10 -19.34 13.08
C CYS A 45 -5.60 -19.05 13.16
N GLY A 46 -6.41 -19.63 12.27
CA GLY A 46 -7.87 -19.59 12.36
C GLY A 46 -8.48 -18.37 11.71
N VAL A 47 -7.68 -17.53 11.02
CA VAL A 47 -8.17 -16.27 10.38
C VAL A 47 -9.13 -16.62 9.23
N VAL A 48 -8.75 -17.58 8.39
CA VAL A 48 -9.59 -18.04 7.24
C VAL A 48 -10.94 -18.55 7.78
N ALA A 49 -10.92 -19.28 8.90
CA ALA A 49 -12.11 -19.87 9.55
C ALA A 49 -13.12 -18.79 9.97
N LYS A 50 -12.67 -17.57 10.30
CA LYS A 50 -13.59 -16.44 10.60
C LYS A 50 -14.52 -16.23 9.40
N VAL A 51 -13.99 -16.37 8.18
CA VAL A 51 -14.77 -16.21 6.92
C VAL A 51 -15.56 -17.50 6.63
N THR A 52 -14.92 -18.68 6.59
CA THR A 52 -15.60 -19.94 6.18
C THR A 52 -16.73 -20.26 7.18
N ASP A 53 -16.55 -19.96 8.47
CA ASP A 53 -17.60 -20.17 9.52
C ASP A 53 -18.85 -19.38 9.15
N LYS A 54 -18.70 -18.12 8.73
CA LYS A 54 -19.83 -17.24 8.32
C LYS A 54 -20.45 -17.81 7.04
N MET A 55 -19.64 -18.24 6.06
CA MET A 55 -20.16 -18.77 4.78
C MET A 55 -20.92 -20.08 5.02
N ASP A 56 -20.41 -20.94 5.91
CA ASP A 56 -21.06 -22.25 6.24
C ASP A 56 -22.43 -21.96 6.87
N ALA A 57 -22.51 -21.00 7.78
CA ALA A 57 -23.75 -20.60 8.49
C ALA A 57 -24.77 -20.02 7.50
N ALA A 58 -24.30 -19.34 6.45
CA ALA A 58 -25.16 -18.68 5.43
C ALA A 58 -25.44 -19.64 4.26
N GLY A 59 -24.81 -20.82 4.27
CA GLY A 59 -25.04 -21.89 3.27
C GLY A 59 -24.34 -21.62 1.95
N LEU A 60 -23.19 -20.94 1.96
CA LEU A 60 -22.44 -20.51 0.75
C LEU A 60 -21.24 -21.44 0.52
N ALA A 61 -21.14 -21.99 -0.68
CA ALA A 61 -20.14 -23.00 -1.08
C ALA A 61 -18.77 -22.33 -1.23
N TRP A 62 -17.71 -23.02 -0.83
CA TRP A 62 -16.32 -22.52 -0.98
C TRP A 62 -15.36 -23.69 -1.18
N ALA A 63 -14.27 -23.40 -1.88
CA ALA A 63 -13.05 -24.22 -1.98
C ALA A 63 -11.88 -23.36 -1.50
N ILE A 64 -10.71 -23.96 -1.27
CA ILE A 64 -9.53 -23.22 -0.76
C ILE A 64 -8.30 -23.60 -1.56
N TYR A 65 -7.46 -22.60 -1.84
CA TYR A 65 -6.06 -22.77 -2.25
C TYR A 65 -5.22 -21.98 -1.25
N ASP A 66 -4.41 -22.66 -0.43
CA ASP A 66 -3.61 -22.01 0.65
C ASP A 66 -2.11 -22.16 0.33
N GLY A 67 -1.77 -22.24 -0.96
CA GLY A 67 -0.39 -22.45 -1.42
C GLY A 67 0.36 -21.17 -1.68
N VAL A 68 -0.21 -20.01 -1.36
CA VAL A 68 0.44 -18.69 -1.61
C VAL A 68 1.66 -18.58 -0.69
N VAL A 69 2.78 -18.14 -1.25
CA VAL A 69 4.03 -17.86 -0.48
C VAL A 69 4.43 -16.41 -0.74
N PRO A 70 5.27 -15.81 0.12
CA PRO A 70 5.82 -14.48 -0.17
C PRO A 70 6.50 -14.55 -1.55
N ASN A 71 6.39 -13.48 -2.33
CA ASN A 71 6.90 -13.45 -3.74
C ASN A 71 6.23 -14.56 -4.53
N PRO A 72 4.90 -14.48 -4.75
CA PRO A 72 4.19 -15.53 -5.47
C PRO A 72 4.81 -15.72 -6.86
N THR A 73 4.94 -16.99 -7.26
CA THR A 73 5.61 -17.46 -8.49
C THR A 73 4.58 -17.82 -9.57
N ILE A 74 5.06 -18.05 -10.79
CA ILE A 74 4.25 -18.59 -11.92
C ILE A 74 3.62 -19.93 -11.48
N THR A 75 4.36 -20.73 -10.70
CA THR A 75 3.92 -22.07 -10.25
C THR A 75 2.69 -21.92 -9.34
N VAL A 76 2.73 -20.98 -8.40
CA VAL A 76 1.66 -20.73 -7.40
C VAL A 76 0.41 -20.27 -8.16
N VAL A 77 0.58 -19.42 -9.17
CA VAL A 77 -0.55 -18.92 -10.01
C VAL A 77 -1.19 -20.11 -10.73
N LYS A 78 -0.40 -20.93 -11.41
CA LYS A 78 -0.93 -22.09 -12.19
C LYS A 78 -1.61 -23.08 -11.25
N GLU A 79 -1.02 -23.29 -10.07
CA GLU A 79 -1.54 -24.20 -9.02
C GLU A 79 -2.93 -23.72 -8.58
N GLY A 80 -3.03 -22.43 -8.23
CA GLY A 80 -4.29 -21.78 -7.82
C GLY A 80 -5.34 -21.83 -8.92
N LEU A 81 -4.93 -21.55 -10.17
CA LEU A 81 -5.85 -21.62 -11.33
C LEU A 81 -6.37 -23.05 -11.49
N GLY A 82 -5.53 -24.07 -11.27
CA GLY A 82 -5.92 -25.48 -11.29
C GLY A 82 -7.03 -25.77 -10.29
N VAL A 83 -6.88 -25.27 -9.06
CA VAL A 83 -7.89 -25.49 -7.97
C VAL A 83 -9.17 -24.75 -8.35
N PHE A 84 -9.06 -23.54 -8.90
CA PHE A 84 -10.24 -22.76 -9.37
C PHE A 84 -11.03 -23.62 -10.36
N GLN A 85 -10.34 -24.15 -11.35
CA GLN A 85 -10.94 -24.93 -12.47
C GLN A 85 -11.57 -26.23 -11.93
N ASN A 86 -10.95 -26.88 -10.94
CA ASN A 86 -11.32 -28.26 -10.53
C ASN A 86 -12.29 -28.26 -9.35
N SER A 87 -12.69 -27.09 -8.85
CA SER A 87 -13.48 -26.97 -7.59
C SER A 87 -14.90 -26.46 -7.87
N GLY A 88 -15.20 -26.10 -9.12
CA GLY A 88 -16.49 -25.52 -9.52
C GLY A 88 -16.68 -24.09 -9.02
N ALA A 89 -15.60 -23.37 -8.74
CA ALA A 89 -15.63 -21.97 -8.24
C ALA A 89 -15.99 -21.04 -9.41
N ASP A 90 -16.69 -19.93 -9.13
CA ASP A 90 -16.99 -18.88 -10.14
C ASP A 90 -16.58 -17.49 -9.65
N TYR A 91 -16.05 -17.36 -8.42
CA TYR A 91 -15.47 -16.09 -7.92
C TYR A 91 -14.34 -16.36 -6.92
N LEU A 92 -13.59 -15.31 -6.61
CA LEU A 92 -12.38 -15.39 -5.76
C LEU A 92 -12.59 -14.55 -4.50
N ILE A 93 -12.16 -15.11 -3.37
CA ILE A 93 -11.99 -14.39 -2.09
C ILE A 93 -10.50 -14.39 -1.75
N ALA A 94 -9.86 -13.23 -1.84
CA ALA A 94 -8.43 -13.06 -1.49
C ALA A 94 -8.35 -12.72 -0.01
N ILE A 95 -7.87 -13.67 0.80
CA ILE A 95 -7.64 -13.45 2.25
C ILE A 95 -6.14 -13.40 2.50
N GLY A 96 -5.61 -12.22 2.81
CA GLY A 96 -4.20 -12.06 3.18
C GLY A 96 -3.66 -10.71 2.80
N GLY A 97 -2.33 -10.57 2.82
CA GLY A 97 -1.65 -9.33 2.43
C GLY A 97 -1.38 -9.32 0.95
N GLY A 98 -0.32 -8.61 0.52
CA GLY A 98 0.00 -8.38 -0.89
C GLY A 98 0.03 -9.66 -1.71
N SER A 99 0.59 -10.74 -1.16
CA SER A 99 0.86 -11.99 -1.92
C SER A 99 -0.45 -12.66 -2.32
N PRO A 100 -1.39 -12.96 -1.39
CA PRO A 100 -2.69 -13.49 -1.80
C PRO A 100 -3.49 -12.56 -2.72
N GLN A 101 -3.42 -11.25 -2.49
CA GLN A 101 -4.16 -10.25 -3.32
C GLN A 101 -3.62 -10.34 -4.75
N ASP A 102 -2.29 -10.35 -4.90
CA ASP A 102 -1.64 -10.35 -6.23
C ASP A 102 -1.88 -11.70 -6.94
N THR A 103 -1.81 -12.81 -6.20
CA THR A 103 -2.05 -14.17 -6.74
C THR A 103 -3.49 -14.24 -7.30
N CYS A 104 -4.46 -13.69 -6.57
CA CYS A 104 -5.87 -13.64 -7.02
C CYS A 104 -6.01 -12.90 -8.34
N LYS A 105 -5.37 -11.74 -8.46
CA LYS A 105 -5.49 -10.92 -9.69
C LYS A 105 -5.01 -11.75 -10.87
N ALA A 106 -3.88 -12.44 -10.71
CA ALA A 106 -3.27 -13.30 -11.76
C ALA A 106 -4.24 -14.43 -12.12
N ILE A 107 -4.78 -15.14 -11.13
CA ILE A 107 -5.68 -16.30 -11.33
C ILE A 107 -6.94 -15.79 -12.07
N GLY A 108 -7.55 -14.73 -11.54
CA GLY A 108 -8.81 -14.16 -12.06
C GLY A 108 -8.65 -13.67 -13.49
N ILE A 109 -7.52 -13.02 -13.81
CA ILE A 109 -7.22 -12.54 -15.19
C ILE A 109 -7.08 -13.73 -16.15
N ILE A 110 -6.26 -14.72 -15.79
CA ILE A 110 -5.96 -15.87 -16.70
C ILE A 110 -7.24 -16.70 -16.92
N SER A 111 -8.07 -16.86 -15.89
CA SER A 111 -9.34 -17.63 -15.99
C SER A 111 -10.22 -17.05 -17.10
N ASN A 112 -10.34 -15.72 -17.19
CA ASN A 112 -11.22 -15.08 -18.21
C ASN A 112 -10.41 -14.69 -19.45
N ASN A 113 -9.09 -14.76 -19.40
CA ASN A 113 -8.19 -14.41 -20.54
C ASN A 113 -7.20 -15.56 -20.74
N PRO A 114 -7.67 -16.75 -21.17
CA PRO A 114 -6.84 -17.96 -21.19
C PRO A 114 -5.61 -17.91 -22.12
N GLU A 115 -5.57 -16.99 -23.08
CA GLU A 115 -4.41 -16.78 -23.98
C GLU A 115 -3.17 -16.41 -23.15
N PHE A 116 -3.32 -16.05 -21.87
CA PHE A 116 -2.19 -15.66 -20.98
C PHE A 116 -1.77 -16.80 -20.03
N ALA A 117 -2.06 -18.05 -20.39
CA ALA A 117 -1.90 -19.23 -19.50
C ALA A 117 -0.45 -19.39 -19.02
N ASP A 118 0.54 -18.89 -19.77
CA ASP A 118 1.98 -19.02 -19.39
C ASP A 118 2.33 -18.04 -18.28
N VAL A 119 1.43 -17.08 -17.99
CA VAL A 119 1.53 -16.08 -16.88
C VAL A 119 2.54 -14.97 -17.23
N ARG A 120 3.76 -15.31 -17.68
CA ARG A 120 4.82 -14.31 -17.96
C ARG A 120 4.40 -13.34 -19.07
N SER A 121 3.45 -13.72 -19.93
CA SER A 121 2.93 -12.87 -21.04
C SER A 121 2.04 -11.74 -20.51
N LEU A 122 1.78 -11.65 -19.20
CA LEU A 122 0.96 -10.58 -18.60
C LEU A 122 1.81 -9.35 -18.23
N GLU A 123 3.14 -9.45 -18.29
CA GLU A 123 4.07 -8.37 -17.86
C GLU A 123 3.78 -7.08 -18.63
N GLY A 124 3.86 -5.94 -17.92
CA GLY A 124 3.60 -4.59 -18.45
C GLY A 124 2.11 -4.31 -18.54
N LEU A 125 1.68 -3.58 -19.56
CA LEU A 125 0.25 -3.23 -19.76
C LEU A 125 -0.46 -4.39 -20.46
N SER A 126 -0.89 -5.39 -19.68
CA SER A 126 -1.49 -6.67 -20.15
C SER A 126 -2.55 -6.36 -21.21
N PRO A 127 -2.45 -6.89 -22.45
CA PRO A 127 -3.49 -6.72 -23.46
C PRO A 127 -4.69 -7.67 -23.26
N THR A 128 -5.30 -7.61 -22.07
CA THR A 128 -6.52 -8.38 -21.74
C THR A 128 -7.74 -7.61 -22.25
N ASN A 129 -8.76 -8.31 -22.71
CA ASN A 129 -10.04 -7.69 -23.15
C ASN A 129 -11.21 -8.19 -22.29
N LYS A 130 -10.95 -9.00 -21.27
CA LYS A 130 -12.03 -9.50 -20.37
C LYS A 130 -11.66 -9.12 -18.94
N PRO A 131 -12.63 -8.65 -18.13
CA PRO A 131 -12.38 -8.45 -16.70
C PRO A 131 -11.96 -9.77 -16.05
N SER A 132 -11.16 -9.67 -14.99
CA SER A 132 -10.88 -10.78 -14.05
C SER A 132 -12.20 -11.43 -13.61
N VAL A 133 -12.17 -12.72 -13.32
CA VAL A 133 -13.18 -13.35 -12.42
C VAL A 133 -13.36 -12.41 -11.23
N PRO A 134 -14.60 -12.14 -10.74
CA PRO A 134 -14.79 -11.20 -9.65
C PRO A 134 -13.94 -11.57 -8.43
N ILE A 135 -13.23 -10.59 -7.87
CA ILE A 135 -12.40 -10.73 -6.65
C ILE A 135 -13.08 -9.96 -5.51
N LEU A 136 -13.39 -10.66 -4.42
CA LEU A 136 -13.77 -10.07 -3.13
C LEU A 136 -12.51 -10.09 -2.24
N ALA A 137 -11.98 -8.91 -1.93
CA ALA A 137 -10.67 -8.75 -1.27
C ALA A 137 -10.87 -8.52 0.24
N ILE A 138 -10.19 -9.33 1.06
CA ILE A 138 -10.17 -9.18 2.54
C ILE A 138 -8.71 -9.10 2.98
N PRO A 139 -8.13 -7.88 3.02
CA PRO A 139 -6.77 -7.70 3.52
C PRO A 139 -6.66 -8.02 5.01
N THR A 140 -5.60 -8.71 5.42
CA THR A 140 -5.37 -9.17 6.81
C THR A 140 -4.18 -8.44 7.43
N THR A 141 -3.48 -7.61 6.65
CA THR A 141 -2.38 -6.73 7.12
C THR A 141 -2.82 -5.28 6.96
N ALA A 142 -2.58 -4.45 7.98
CA ALA A 142 -2.91 -3.01 7.97
C ALA A 142 -1.92 -2.26 7.08
N GLY A 143 -0.93 -2.95 6.51
CA GLY A 143 0.13 -2.36 5.66
C GLY A 143 -0.12 -2.52 4.17
N THR A 144 -1.17 -3.23 3.74
CA THR A 144 -1.43 -3.47 2.29
C THR A 144 -2.58 -2.57 1.79
N ALA A 145 -2.42 -2.04 0.59
CA ALA A 145 -3.53 -1.52 -0.25
C ALA A 145 -3.51 -2.20 -1.62
N ALA A 146 -2.96 -3.42 -1.71
CA ALA A 146 -2.85 -4.19 -2.98
C ALA A 146 -4.25 -4.32 -3.61
N GLU A 147 -5.30 -4.35 -2.80
CA GLU A 147 -6.69 -4.64 -3.26
C GLU A 147 -7.33 -3.42 -3.95
N VAL A 148 -6.70 -2.25 -3.93
CA VAL A 148 -7.26 -1.06 -4.63
C VAL A 148 -6.31 -0.60 -5.75
N THR A 149 -5.21 -1.31 -5.98
CA THR A 149 -4.27 -1.03 -7.09
CA THR A 149 -4.28 -1.02 -7.11
C THR A 149 -4.61 -1.94 -8.27
N ILE A 150 -4.18 -1.58 -9.48
CA ILE A 150 -4.37 -2.40 -10.72
C ILE A 150 -3.05 -3.12 -11.02
N ASN A 151 -2.07 -3.02 -10.11
CA ASN A 151 -0.73 -3.62 -10.27
C ASN A 151 -0.69 -4.95 -9.51
N TYR A 152 0.09 -5.91 -10.02
CA TYR A 152 0.48 -7.13 -9.29
C TYR A 152 1.85 -7.58 -9.78
N VAL A 153 2.59 -8.25 -8.90
CA VAL A 153 4.00 -8.68 -9.12
C VAL A 153 4.08 -10.19 -8.96
N ILE A 154 4.58 -10.88 -9.98
CA ILE A 154 4.77 -12.36 -9.99
C ILE A 154 6.26 -12.65 -10.22
N THR A 155 6.77 -13.70 -9.58
CA THR A 155 8.17 -14.15 -9.73
C THR A 155 8.25 -15.22 -10.81
N ASP A 156 9.07 -14.97 -11.83
CA ASP A 156 9.42 -15.93 -12.90
C ASP A 156 10.65 -16.73 -12.45
N GLU A 157 10.44 -17.94 -11.94
CA GLU A 157 11.51 -18.83 -11.41
C GLU A 157 12.45 -19.24 -12.54
N GLU A 158 11.92 -19.61 -13.71
CA GLU A 158 12.70 -20.04 -14.90
C GLU A 158 13.70 -18.94 -15.28
N LYS A 159 13.23 -17.68 -15.35
CA LYS A 159 14.03 -16.52 -15.83
C LYS A 159 14.64 -15.73 -14.66
N ARG A 160 14.41 -16.16 -13.42
CA ARG A 160 15.06 -15.63 -12.19
C ARG A 160 14.80 -14.12 -12.07
N ARG A 161 13.53 -13.70 -12.13
CA ARG A 161 13.15 -12.26 -12.08
C ARG A 161 11.70 -12.10 -11.64
N LYS A 162 11.38 -10.95 -11.05
CA LYS A 162 9.99 -10.47 -10.83
C LYS A 162 9.52 -9.78 -12.12
N PHE A 163 8.21 -9.77 -12.37
CA PHE A 163 7.61 -8.97 -13.46
C PHE A 163 6.35 -8.28 -12.91
N VAL A 164 6.16 -7.03 -13.32
CA VAL A 164 5.04 -6.15 -12.88
C VAL A 164 3.96 -6.17 -13.97
N CYS A 165 2.73 -6.47 -13.59
CA CYS A 165 1.53 -6.50 -14.46
C CYS A 165 0.62 -5.34 -14.07
N VAL A 166 0.21 -4.53 -15.05
CA VAL A 166 -0.61 -3.31 -14.87
C VAL A 166 -1.87 -3.47 -15.71
N ASP A 167 -3.04 -3.59 -15.09
CA ASP A 167 -4.26 -4.00 -15.84
C ASP A 167 -5.51 -3.58 -15.10
N PRO A 168 -6.25 -2.55 -15.59
CA PRO A 168 -7.53 -2.17 -14.98
C PRO A 168 -8.51 -3.34 -14.85
N HIS A 169 -8.45 -4.34 -15.73
CA HIS A 169 -9.30 -5.56 -15.69
C HIS A 169 -9.11 -6.36 -14.38
N ASP A 170 -8.02 -6.17 -13.64
CA ASP A 170 -7.72 -7.00 -12.44
C ASP A 170 -8.31 -6.39 -11.16
N ILE A 171 -8.97 -5.24 -11.20
CA ILE A 171 -9.38 -4.49 -9.98
C ILE A 171 -10.42 -5.33 -9.25
N PRO A 172 -10.23 -5.63 -7.95
CA PRO A 172 -11.30 -6.25 -7.16
C PRO A 172 -12.61 -5.46 -7.23
N GLN A 173 -13.71 -6.20 -7.19
CA GLN A 173 -15.09 -5.68 -7.26
C GLN A 173 -15.53 -5.20 -5.87
N VAL A 174 -15.05 -5.84 -4.81
CA VAL A 174 -15.42 -5.48 -3.42
C VAL A 174 -14.17 -5.58 -2.53
N ALA A 175 -13.95 -4.56 -1.70
CA ALA A 175 -12.96 -4.60 -0.60
C ALA A 175 -13.72 -4.60 0.73
N PHE A 176 -13.35 -5.51 1.63
CA PHE A 176 -13.83 -5.57 3.02
C PHE A 176 -12.66 -5.18 3.93
N ILE A 177 -12.75 -3.99 4.51
CA ILE A 177 -11.70 -3.38 5.37
C ILE A 177 -12.19 -3.51 6.82
N ASP A 178 -11.69 -4.56 7.48
CA ASP A 178 -12.20 -5.06 8.79
C ASP A 178 -11.00 -5.23 9.71
N ALA A 179 -10.88 -4.34 10.70
CA ALA A 179 -9.75 -4.32 11.66
C ALA A 179 -9.70 -5.64 12.43
N ASP A 180 -10.82 -6.33 12.64
CA ASP A 180 -10.84 -7.67 13.31
C ASP A 180 -10.00 -8.69 12.52
N MET A 181 -9.92 -8.56 11.20
CA MET A 181 -9.21 -9.53 10.31
C MET A 181 -7.72 -9.18 10.24
N MET A 182 -7.28 -8.11 10.93
CA MET A 182 -5.89 -7.61 10.87
C MET A 182 -5.20 -7.80 12.24
N ASP A 183 -5.79 -7.24 13.30
CA ASP A 183 -5.32 -7.32 14.72
C ASP A 183 -4.05 -8.17 14.87
N GLY A 184 -2.96 -7.57 15.38
CA GLY A 184 -1.79 -8.30 15.92
C GLY A 184 -0.49 -8.00 15.20
N MET A 185 -0.12 -6.72 15.06
CA MET A 185 1.25 -6.29 14.72
C MET A 185 1.93 -5.84 16.02
N PRO A 186 3.26 -6.00 16.16
CA PRO A 186 3.97 -5.39 17.28
C PRO A 186 4.03 -3.87 17.09
N PRO A 187 4.11 -3.10 18.20
CA PRO A 187 4.13 -1.63 18.12
C PRO A 187 5.09 -1.07 17.06
N ALA A 188 6.35 -1.51 17.06
CA ALA A 188 7.42 -1.01 16.16
C ALA A 188 7.00 -1.11 14.68
N LEU A 189 6.27 -2.17 14.31
CA LEU A 189 5.88 -2.41 12.89
C LEU A 189 4.61 -1.61 12.58
N LYS A 190 3.69 -1.48 13.54
CA LYS A 190 2.52 -0.56 13.42
C LYS A 190 3.02 0.86 13.14
N ALA A 191 4.09 1.27 13.81
CA ALA A 191 4.72 2.61 13.67
C ALA A 191 5.24 2.78 12.23
N ALA A 192 6.07 1.86 11.77
CA ALA A 192 6.70 1.89 10.43
C ALA A 192 5.60 1.84 9.35
N THR A 193 4.62 0.98 9.54
CA THR A 193 3.47 0.78 8.60
C THR A 193 2.64 2.07 8.54
N GLY A 194 2.33 2.65 9.69
CA GLY A 194 1.54 3.89 9.81
C GLY A 194 2.23 5.05 9.12
N VAL A 195 3.51 5.27 9.40
CA VAL A 195 4.25 6.40 8.77
C VAL A 195 4.51 6.06 7.30
N ASP A 196 4.57 4.78 6.93
CA ASP A 196 4.70 4.38 5.50
C ASP A 196 3.47 4.87 4.73
N ALA A 197 2.27 4.66 5.29
CA ALA A 197 0.99 5.13 4.72
C ALA A 197 0.98 6.66 4.67
N LEU A 198 1.41 7.31 5.76
CA LEU A 198 1.46 8.79 5.83
C LEU A 198 2.35 9.30 4.68
N THR A 199 3.49 8.66 4.45
CA THR A 199 4.46 9.04 3.40
C THR A 199 3.78 8.97 2.03
N HIS A 200 3.10 7.86 1.71
CA HIS A 200 2.41 7.69 0.42
C HIS A 200 1.37 8.81 0.27
N ALA A 201 0.62 9.12 1.34
CA ALA A 201 -0.46 10.13 1.29
C ALA A 201 0.16 11.52 1.08
N ILE A 202 1.25 11.85 1.77
CA ILE A 202 1.88 13.19 1.66
C ILE A 202 2.52 13.32 0.27
N GLU A 203 3.25 12.29 -0.19
CA GLU A 203 3.91 12.33 -1.52
C GLU A 203 2.84 12.47 -2.61
N GLY A 204 1.74 11.72 -2.48
CA GLY A 204 0.61 11.76 -3.42
C GLY A 204 -0.09 13.11 -3.39
N TYR A 205 -0.18 13.73 -2.21
CA TYR A 205 -0.80 15.07 -2.03
C TYR A 205 -0.03 16.12 -2.83
N ILE A 206 1.29 16.01 -2.93
CA ILE A 206 2.14 17.10 -3.52
C ILE A 206 2.81 16.66 -4.84
N THR A 207 2.54 15.45 -5.35
CA THR A 207 3.14 14.97 -6.63
C THR A 207 2.70 15.89 -7.79
N ARG A 208 3.51 16.00 -8.83
CA ARG A 208 3.24 16.90 -9.98
C ARG A 208 1.82 16.70 -10.52
N GLY A 209 1.34 15.46 -10.62
CA GLY A 209 0.04 15.15 -11.26
C GLY A 209 -1.14 15.23 -10.31
N ALA A 210 -0.96 15.72 -9.08
CA ALA A 210 -2.02 15.78 -8.04
C ALA A 210 -3.19 16.61 -8.59
N TRP A 211 -4.44 16.21 -8.27
CA TRP A 211 -5.64 16.94 -8.73
C TRP A 211 -6.75 16.74 -7.69
N ALA A 212 -7.90 17.35 -7.90
CA ALA A 212 -8.96 17.55 -6.88
C ALA A 212 -9.31 16.23 -6.16
N LEU A 213 -9.52 15.13 -6.90
CA LEU A 213 -10.06 13.89 -6.29
C LEU A 213 -8.99 13.18 -5.45
N THR A 214 -7.75 13.11 -5.94
CA THR A 214 -6.66 12.47 -5.18
C THR A 214 -6.34 13.37 -3.98
N ASP A 215 -6.42 14.70 -4.15
CA ASP A 215 -6.21 15.67 -3.04
C ASP A 215 -7.24 15.40 -1.95
N ALA A 216 -8.51 15.22 -2.32
CA ALA A 216 -9.64 15.01 -1.37
C ALA A 216 -9.33 13.79 -0.48
N LEU A 217 -8.87 12.69 -1.08
CA LEU A 217 -8.65 11.40 -0.36
C LEU A 217 -7.35 11.47 0.45
N HIS A 218 -6.26 11.93 -0.16
CA HIS A 218 -4.95 12.04 0.53
C HIS A 218 -5.05 12.87 1.82
N ILE A 219 -5.69 14.04 1.78
CA ILE A 219 -5.73 14.93 2.97
C ILE A 219 -6.60 14.26 4.04
N LYS A 220 -7.60 13.46 3.66
CA LYS A 220 -8.40 12.71 4.67
C LYS A 220 -7.53 11.61 5.29
N ALA A 221 -6.76 10.88 4.48
CA ALA A 221 -5.84 9.81 4.96
C ALA A 221 -4.82 10.41 5.95
N ILE A 222 -4.25 11.57 5.62
CA ILE A 222 -3.25 12.25 6.50
C ILE A 222 -3.92 12.58 7.84
N GLU A 223 -5.13 13.16 7.79
CA GLU A 223 -5.91 13.48 9.01
C GLU A 223 -6.11 12.21 9.83
N ILE A 224 -6.56 11.13 9.21
CA ILE A 224 -6.90 9.87 9.92
C ILE A 224 -5.63 9.31 10.57
N ILE A 225 -4.55 9.21 9.80
CA ILE A 225 -3.31 8.52 10.23
C ILE A 225 -2.66 9.35 11.34
N ALA A 226 -2.54 10.67 11.17
CA ALA A 226 -1.93 11.58 12.17
C ALA A 226 -2.77 11.54 13.47
N GLY A 227 -4.09 11.37 13.35
CA GLY A 227 -5.02 11.35 14.49
C GLY A 227 -4.95 10.05 15.29
N ALA A 228 -4.61 8.93 14.63
CA ALA A 228 -4.79 7.55 15.17
C ALA A 228 -3.46 6.85 15.46
N LEU A 229 -2.33 7.24 14.83
CA LEU A 229 -1.12 6.38 14.83
C LEU A 229 -0.58 6.20 16.27
N ARG A 230 -0.54 7.24 17.09
CA ARG A 230 -0.03 7.15 18.49
C ARG A 230 -0.89 6.14 19.28
N GLY A 231 -2.22 6.28 19.19
CA GLY A 231 -3.18 5.37 19.85
C GLY A 231 -3.01 3.94 19.37
N SER A 232 -2.79 3.77 18.06
CA SER A 232 -2.64 2.44 17.41
C SER A 232 -1.36 1.77 17.93
N VAL A 233 -0.25 2.51 17.96
CA VAL A 233 1.08 1.99 18.42
C VAL A 233 0.95 1.55 19.88
N ALA A 234 0.12 2.22 20.67
CA ALA A 234 -0.11 1.95 22.10
C ALA A 234 -1.19 0.86 22.26
N GLY A 235 -1.76 0.37 21.17
CA GLY A 235 -2.67 -0.81 21.15
C GLY A 235 -4.12 -0.45 21.38
N ASP A 236 -4.51 0.81 21.14
CA ASP A 236 -5.92 1.25 21.26
C ASP A 236 -6.73 0.58 20.13
N LYS A 237 -7.89 0.01 20.46
CA LYS A 237 -8.71 -0.78 19.51
C LYS A 237 -9.36 0.14 18.47
N ASP A 238 -9.92 1.27 18.88
CA ASP A 238 -10.57 2.24 17.95
C ASP A 238 -9.50 2.82 17.02
N ALA A 239 -8.33 3.15 17.55
CA ALA A 239 -7.18 3.66 16.77
C ALA A 239 -6.79 2.65 15.68
N GLY A 240 -6.78 1.36 16.00
CA GLY A 240 -6.53 0.27 15.03
C GLY A 240 -7.53 0.28 13.87
N GLU A 241 -8.81 0.48 14.18
CA GLU A 241 -9.92 0.57 13.19
C GLU A 241 -9.71 1.81 12.31
N GLU A 242 -9.38 2.95 12.91
CA GLU A 242 -9.06 4.20 12.17
C GLU A 242 -7.87 3.96 11.23
N MET A 243 -6.83 3.27 11.68
CA MET A 243 -5.60 3.03 10.86
C MET A 243 -5.94 2.17 9.64
N ALA A 244 -6.84 1.19 9.77
CA ALA A 244 -7.27 0.31 8.64
C ALA A 244 -7.94 1.19 7.58
N LEU A 245 -8.83 2.08 8.01
CA LEU A 245 -9.53 3.05 7.12
C LEU A 245 -8.51 4.00 6.46
N GLY A 246 -7.59 4.55 7.25
CA GLY A 246 -6.58 5.51 6.77
C GLY A 246 -5.70 4.88 5.69
N GLN A 247 -5.24 3.65 5.91
CA GLN A 247 -4.39 2.91 4.95
C GLN A 247 -5.13 2.73 3.62
N TYR A 248 -6.43 2.39 3.68
CA TYR A 248 -7.24 2.14 2.47
C TYR A 248 -7.46 3.46 1.73
N VAL A 249 -7.80 4.52 2.47
CA VAL A 249 -8.14 5.82 1.85
C VAL A 249 -6.87 6.35 1.17
N ALA A 250 -5.72 6.23 1.83
CA ALA A 250 -4.40 6.58 1.28
C ALA A 250 -4.16 5.77 0.00
N GLY A 251 -4.48 4.47 0.05
CA GLY A 251 -4.45 3.55 -1.09
C GLY A 251 -5.27 4.04 -2.28
N MET A 252 -6.46 4.55 -2.04
CA MET A 252 -7.37 5.07 -3.10
C MET A 252 -6.66 6.18 -3.88
N GLY A 253 -6.05 7.12 -3.15
CA GLY A 253 -5.35 8.28 -3.74
C GLY A 253 -4.08 7.86 -4.43
N PHE A 254 -3.19 7.15 -3.73
CA PHE A 254 -1.78 6.98 -4.20
C PHE A 254 -1.70 5.95 -5.33
N SER A 255 -2.72 5.10 -5.50
CA SER A 255 -2.81 4.12 -6.62
CA SER A 255 -2.79 4.12 -6.62
C SER A 255 -3.11 4.83 -7.95
N ASN A 256 -3.53 6.10 -7.90
CA ASN A 256 -4.06 6.88 -9.05
C ASN A 256 -3.15 8.04 -9.46
N VAL A 257 -2.13 8.39 -8.67
CA VAL A 257 -1.20 9.50 -9.01
C VAL A 257 0.21 9.07 -8.59
N GLY A 258 1.22 9.81 -9.04
CA GLY A 258 2.63 9.48 -8.80
C GLY A 258 3.05 9.77 -7.38
N VAL A 259 4.35 9.76 -7.16
CA VAL A 259 4.99 9.87 -5.82
C VAL A 259 6.06 10.96 -5.95
N GLY A 260 7.19 10.82 -5.26
CA GLY A 260 8.35 11.71 -5.46
C GLY A 260 9.58 11.14 -4.83
N LEU A 261 10.39 12.03 -4.24
CA LEU A 261 11.79 11.76 -3.83
C LEU A 261 11.82 10.81 -2.62
N VAL A 262 10.78 10.75 -1.79
CA VAL A 262 10.82 9.82 -0.62
C VAL A 262 10.86 8.39 -1.16
N HIS A 263 9.94 8.03 -2.06
CA HIS A 263 9.94 6.71 -2.72
C HIS A 263 11.25 6.53 -3.49
N GLY A 264 11.64 7.54 -4.27
CA GLY A 264 12.86 7.52 -5.10
C GLY A 264 14.11 7.20 -4.30
N MET A 265 14.18 7.68 -3.05
CA MET A 265 15.38 7.60 -2.16
C MET A 265 15.28 6.40 -1.21
N ALA A 266 14.07 5.97 -0.85
CA ALA A 266 13.83 4.81 0.03
C ALA A 266 14.10 3.52 -0.75
N HIS A 267 13.77 3.47 -2.05
CA HIS A 267 13.82 2.23 -2.87
C HIS A 267 15.26 1.71 -2.97
N PRO A 268 16.27 2.54 -3.33
CA PRO A 268 17.67 2.10 -3.32
C PRO A 268 18.19 1.63 -1.94
N LEU A 269 17.68 2.19 -0.83
CA LEU A 269 18.03 1.73 0.55
C LEU A 269 17.51 0.30 0.77
N GLY A 270 16.40 -0.06 0.13
CA GLY A 270 15.90 -1.46 0.08
C GLY A 270 16.88 -2.35 -0.66
N ALA A 271 17.33 -1.92 -1.84
CA ALA A 271 18.21 -2.68 -2.76
C ALA A 271 19.61 -2.92 -2.16
N PHE A 272 20.06 -2.06 -1.24
CA PHE A 272 21.45 -2.04 -0.70
C PHE A 272 21.52 -2.70 0.69
N TYR A 273 20.56 -2.42 1.57
CA TYR A 273 20.60 -2.83 3.01
C TYR A 273 19.37 -3.64 3.41
N ASN A 274 18.44 -3.88 2.48
CA ASN A 274 17.12 -4.48 2.78
C ASN A 274 16.58 -3.81 4.05
N THR A 275 16.62 -2.47 4.07
CA THR A 275 15.96 -1.64 5.10
C THR A 275 14.46 -1.74 4.86
N PRO A 276 13.64 -2.00 5.91
CA PRO A 276 12.18 -1.93 5.76
C PRO A 276 11.77 -0.67 4.98
N HIS A 277 11.03 -0.84 3.88
CA HIS A 277 10.49 0.25 3.01
C HIS A 277 9.83 1.33 3.89
N GLY A 278 9.11 0.90 4.94
CA GLY A 278 8.39 1.79 5.88
C GLY A 278 9.33 2.66 6.69
N VAL A 279 10.35 2.07 7.30
CA VAL A 279 11.31 2.80 8.18
C VAL A 279 12.13 3.79 7.33
N ALA A 280 12.59 3.37 6.15
CA ALA A 280 13.37 4.21 5.22
C ALA A 280 12.52 5.41 4.81
N ASN A 281 11.28 5.14 4.40
CA ASN A 281 10.29 6.19 4.02
C ASN A 281 10.12 7.18 5.17
N ALA A 282 9.85 6.69 6.39
CA ALA A 282 9.55 7.49 7.58
C ALA A 282 10.72 8.44 7.87
N ILE A 283 11.95 7.93 7.85
CA ILE A 283 13.17 8.72 8.19
C ILE A 283 13.32 9.85 7.17
N LEU A 284 13.12 9.55 5.89
CA LEU A 284 13.37 10.49 4.77
C LEU A 284 12.28 11.56 4.68
N LEU A 285 11.03 11.19 4.99
CA LEU A 285 9.82 12.01 4.73
C LEU A 285 10.04 13.47 5.13
N PRO A 286 10.35 13.81 6.40
CA PRO A 286 10.39 15.21 6.80
C PRO A 286 11.49 16.00 6.10
N HIS A 287 12.63 15.36 5.82
CA HIS A 287 13.78 15.97 5.10
C HIS A 287 13.38 16.29 3.65
N VAL A 288 12.63 15.39 3.01
CA VAL A 288 12.15 15.60 1.62
C VAL A 288 11.05 16.66 1.64
N MET A 289 10.16 16.64 2.64
CA MET A 289 9.12 17.69 2.79
C MET A 289 9.80 19.07 2.87
N ARG A 290 10.90 19.16 3.63
CA ARG A 290 11.65 20.44 3.79
C ARG A 290 12.20 20.85 2.43
N TYR A 291 12.81 19.91 1.71
CA TYR A 291 13.36 20.14 0.34
C TYR A 291 12.25 20.67 -0.59
N ASN A 292 11.06 20.10 -0.51
CA ASN A 292 9.97 20.35 -1.49
C ASN A 292 9.15 21.60 -1.16
N ALA A 293 9.32 22.17 0.03
CA ALA A 293 8.32 23.07 0.67
C ALA A 293 7.86 24.17 -0.32
N ASP A 294 8.77 24.80 -1.05
CA ASP A 294 8.45 26.01 -1.87
C ASP A 294 7.71 25.63 -3.16
N PHE A 295 7.46 24.34 -3.43
CA PHE A 295 6.82 23.85 -4.67
C PHE A 295 5.51 23.14 -4.34
N THR A 296 4.89 23.46 -3.21
CA THR A 296 3.70 22.73 -2.68
C THR A 296 2.50 23.67 -2.52
N GLY A 297 2.55 24.90 -3.04
CA GLY A 297 1.47 25.89 -2.89
C GLY A 297 1.01 26.01 -1.45
N GLU A 298 -0.28 25.82 -1.19
CA GLU A 298 -0.91 25.99 0.16
C GLU A 298 -0.96 24.65 0.90
N LYS A 299 -0.48 23.55 0.31
CA LYS A 299 -0.82 22.19 0.78
C LYS A 299 -0.25 21.90 2.17
N TYR A 300 0.92 22.43 2.55
CA TYR A 300 1.49 22.13 3.89
C TYR A 300 0.67 22.83 4.97
N ARG A 301 -0.05 23.91 4.65
CA ARG A 301 -1.03 24.50 5.60
C ARG A 301 -2.06 23.45 5.97
N ASP A 302 -2.55 22.72 4.97
CA ASP A 302 -3.56 21.64 5.13
C ASP A 302 -2.95 20.53 6.00
N ILE A 303 -1.73 20.11 5.68
CA ILE A 303 -1.05 19.02 6.42
C ILE A 303 -0.88 19.45 7.89
N ALA A 304 -0.39 20.67 8.13
CA ALA A 304 -0.18 21.22 9.49
C ALA A 304 -1.51 21.17 10.25
N ARG A 305 -2.57 21.70 9.62
CA ARG A 305 -3.93 21.81 10.24
C ARG A 305 -4.40 20.43 10.69
N VAL A 306 -4.39 19.44 9.80
CA VAL A 306 -4.99 18.10 10.10
C VAL A 306 -4.07 17.33 11.05
N MET A 307 -2.80 17.71 11.18
CA MET A 307 -1.88 17.08 12.17
C MET A 307 -1.97 17.81 13.52
N GLY A 308 -2.86 18.81 13.64
CA GLY A 308 -3.26 19.43 14.92
C GLY A 308 -2.56 20.74 15.21
N VAL A 309 -1.90 21.35 14.22
CA VAL A 309 -1.17 22.65 14.40
C VAL A 309 -2.05 23.80 13.89
N LYS A 310 -2.19 24.87 14.66
CA LYS A 310 -2.92 26.11 14.28
C LYS A 310 -1.98 27.04 13.51
N VAL A 311 -2.18 27.21 12.19
CA VAL A 311 -1.21 27.90 11.29
C VAL A 311 -1.90 29.02 10.48
N GLU A 312 -3.18 29.28 10.71
CA GLU A 312 -3.94 30.28 9.91
C GLU A 312 -3.41 31.70 10.19
N GLY A 313 -2.86 31.93 11.39
CA GLY A 313 -2.22 33.20 11.79
C GLY A 313 -0.80 33.33 11.25
N MET A 314 -0.18 32.23 10.84
CA MET A 314 1.24 32.21 10.38
C MET A 314 1.31 32.63 8.91
N GLY A 315 2.47 33.13 8.48
CA GLY A 315 2.83 33.19 7.05
C GLY A 315 2.95 31.78 6.47
N LEU A 316 2.91 31.68 5.15
CA LEU A 316 2.92 30.38 4.41
C LEU A 316 4.19 29.60 4.74
N GLU A 317 5.36 30.27 4.80
CA GLU A 317 6.64 29.56 5.03
C GLU A 317 6.70 29.05 6.47
N GLU A 318 6.18 29.81 7.45
CA GLU A 318 6.11 29.35 8.87
C GLU A 318 5.19 28.14 8.95
N ALA A 319 4.03 28.20 8.28
CA ALA A 319 3.07 27.08 8.20
C ALA A 319 3.76 25.85 7.61
N ARG A 320 4.55 26.02 6.54
CA ARG A 320 5.31 24.92 5.91
C ARG A 320 6.32 24.31 6.90
N ASN A 321 7.00 25.17 7.68
CA ASN A 321 7.95 24.72 8.72
C ASN A 321 7.20 23.94 9.79
N ALA A 322 5.97 24.37 10.10
CA ALA A 322 5.14 23.72 11.15
C ALA A 322 4.75 22.30 10.70
N ALA A 323 4.42 22.11 9.42
CA ALA A 323 4.08 20.79 8.83
C ALA A 323 5.27 19.86 9.00
N VAL A 324 6.46 20.32 8.59
CA VAL A 324 7.72 19.53 8.69
C VAL A 324 7.94 19.16 10.16
N GLU A 325 7.80 20.12 11.09
CA GLU A 325 8.06 19.87 12.54
C GLU A 325 7.02 18.86 13.08
N ALA A 326 5.78 18.90 12.60
CA ALA A 326 4.70 17.98 13.02
C ALA A 326 5.08 16.53 12.66
N VAL A 327 5.73 16.34 11.51
CA VAL A 327 6.15 15.00 11.01
C VAL A 327 7.36 14.51 11.82
N PHE A 328 8.35 15.37 12.07
CA PHE A 328 9.47 15.06 12.99
C PHE A 328 8.91 14.61 14.35
N ALA A 329 7.91 15.32 14.87
CA ALA A 329 7.28 15.05 16.19
C ALA A 329 6.60 13.68 16.20
N LEU A 330 5.82 13.36 15.18
CA LEU A 330 5.13 12.04 15.09
C LEU A 330 6.19 10.92 15.05
N ASN A 331 7.22 11.07 14.21
CA ASN A 331 8.33 10.09 14.10
C ASN A 331 8.95 9.83 15.47
N ARG A 332 9.25 10.89 16.23
CA ARG A 332 9.82 10.78 17.60
C ARG A 332 8.82 10.06 18.50
N ASP A 333 7.55 10.47 18.48
CA ASP A 333 6.52 9.99 19.43
C ASP A 333 6.28 8.47 19.24
N VAL A 334 6.44 7.93 18.02
CA VAL A 334 6.10 6.49 17.75
C VAL A 334 7.37 5.65 17.58
N GLY A 335 8.56 6.24 17.77
CA GLY A 335 9.83 5.50 17.92
C GLY A 335 10.52 5.23 16.60
N ILE A 336 10.28 6.03 15.57
CA ILE A 336 11.03 5.91 14.28
C ILE A 336 12.46 6.33 14.58
N PRO A 337 13.51 5.59 14.12
CA PRO A 337 14.89 6.04 14.27
C PRO A 337 15.06 7.42 13.65
N PRO A 338 15.75 8.38 14.30
CA PRO A 338 15.83 9.74 13.76
C PRO A 338 16.70 9.87 12.50
N HIS A 339 17.68 8.97 12.28
CA HIS A 339 18.67 9.11 11.18
C HIS A 339 18.94 7.79 10.48
N LEU A 340 19.31 7.84 9.19
CA LEU A 340 19.51 6.66 8.32
C LEU A 340 20.66 5.80 8.87
N ARG A 341 21.67 6.40 9.50
CA ARG A 341 22.83 5.62 10.00
C ARG A 341 22.38 4.76 11.18
N ASP A 342 21.28 5.12 11.85
CA ASP A 342 20.69 4.34 12.97
C ASP A 342 20.10 3.02 12.44
N VAL A 343 19.91 2.89 11.12
CA VAL A 343 19.42 1.63 10.49
C VAL A 343 20.47 1.09 9.51
N GLY A 344 21.73 1.54 9.64
CA GLY A 344 22.91 0.90 9.04
C GLY A 344 23.27 1.42 7.66
N VAL A 345 22.75 2.58 7.26
CA VAL A 345 23.16 3.22 5.97
C VAL A 345 24.61 3.70 6.13
N ARG A 346 25.42 3.55 5.09
CA ARG A 346 26.87 3.89 5.14
C ARG A 346 27.10 5.12 4.26
N LYS A 347 27.79 6.12 4.82
CA LYS A 347 28.15 7.40 4.15
C LYS A 347 28.70 7.15 2.75
N GLU A 348 29.55 6.13 2.58
CA GLU A 348 30.30 5.88 1.32
C GLU A 348 29.36 5.38 0.22
N ASP A 349 28.16 4.91 0.55
CA ASP A 349 27.17 4.41 -0.44
C ASP A 349 26.29 5.56 -0.99
N ILE A 350 26.35 6.75 -0.41
CA ILE A 350 25.41 7.87 -0.74
C ILE A 350 25.52 8.21 -2.23
N PRO A 351 26.72 8.37 -2.82
CA PRO A 351 26.83 8.69 -4.24
C PRO A 351 26.12 7.66 -5.13
N ALA A 352 26.28 6.37 -4.82
CA ALA A 352 25.63 5.24 -5.54
C ALA A 352 24.12 5.29 -5.32
N LEU A 353 23.67 5.45 -4.07
CA LEU A 353 22.23 5.55 -3.70
C LEU A 353 21.59 6.72 -4.45
N ALA A 354 22.25 7.87 -4.44
CA ALA A 354 21.80 9.12 -5.12
C ALA A 354 21.59 8.86 -6.61
N GLN A 355 22.53 8.17 -7.26
CA GLN A 355 22.45 7.87 -8.71
C GLN A 355 21.21 6.99 -8.98
N ALA A 356 21.00 5.95 -8.16
CA ALA A 356 19.84 5.04 -8.22
C ALA A 356 18.52 5.82 -8.09
N ALA A 357 18.43 6.72 -7.10
CA ALA A 357 17.25 7.58 -6.83
C ALA A 357 16.98 8.49 -8.05
N LEU A 358 18.03 9.08 -8.62
CA LEU A 358 17.91 10.01 -9.78
C LEU A 358 17.30 9.26 -10.97
N ASP A 359 17.67 7.99 -11.16
CA ASP A 359 17.30 7.16 -12.35
C ASP A 359 15.97 6.43 -12.10
N ASP A 360 15.51 6.34 -10.85
CA ASP A 360 14.18 5.79 -10.49
C ASP A 360 13.10 6.61 -11.19
N VAL A 361 12.19 5.92 -11.91
CA VAL A 361 11.17 6.53 -12.80
C VAL A 361 10.22 7.40 -11.97
N CYS A 362 9.90 6.95 -10.75
CA CYS A 362 8.89 7.55 -9.85
C CYS A 362 9.40 8.86 -9.23
N THR A 363 10.72 9.08 -9.25
CA THR A 363 11.37 10.34 -8.76
C THR A 363 10.88 11.54 -9.57
N GLY A 364 10.53 11.33 -10.84
CA GLY A 364 9.99 12.37 -11.74
C GLY A 364 8.71 13.04 -11.23
N GLY A 365 7.94 12.38 -10.35
CA GLY A 365 6.72 12.94 -9.74
C GLY A 365 7.01 14.03 -8.71
N ASN A 366 8.25 14.10 -8.20
CA ASN A 366 8.64 15.06 -7.13
C ASN A 366 8.39 16.48 -7.63
N PRO A 367 7.67 17.34 -6.86
CA PRO A 367 7.30 18.67 -7.34
C PRO A 367 8.49 19.62 -7.52
N ARG A 368 9.61 19.36 -6.84
CA ARG A 368 10.87 20.13 -7.01
C ARG A 368 11.88 19.26 -7.77
N GLU A 369 12.49 19.81 -8.81
CA GLU A 369 13.60 19.16 -9.55
C GLU A 369 14.74 18.86 -8.58
N ALA A 370 15.26 17.63 -8.60
CA ALA A 370 16.45 17.22 -7.84
C ALA A 370 17.52 16.78 -8.84
N THR A 371 18.70 17.40 -8.77
CA THR A 371 19.92 16.94 -9.48
C THR A 371 20.58 15.86 -8.62
N LEU A 372 21.59 15.18 -9.17
CA LEU A 372 22.41 14.21 -8.41
C LEU A 372 22.87 14.84 -7.10
N GLU A 373 23.42 16.06 -7.16
CA GLU A 373 24.04 16.76 -6.00
C GLU A 373 22.96 17.08 -4.95
N ASP A 374 21.78 17.53 -5.37
CA ASP A 374 20.64 17.79 -4.45
C ASP A 374 20.33 16.51 -3.67
N ILE A 375 20.30 15.36 -4.35
CA ILE A 375 19.92 14.06 -3.74
C ILE A 375 21.04 13.59 -2.80
N VAL A 376 22.30 13.77 -3.20
CA VAL A 376 23.48 13.49 -2.32
C VAL A 376 23.31 14.27 -1.01
N GLU A 377 23.03 15.57 -1.08
CA GLU A 377 22.94 16.47 0.10
C GLU A 377 21.75 16.03 0.97
N LEU A 378 20.63 15.64 0.34
CA LEU A 378 19.42 15.17 1.07
C LEU A 378 19.73 13.89 1.85
N TYR A 379 20.47 12.93 1.26
CA TYR A 379 20.88 11.70 1.97
C TYR A 379 21.70 12.09 3.21
N HIS A 380 22.68 12.99 3.05
CA HIS A 380 23.56 13.44 4.15
C HIS A 380 22.72 14.08 5.26
N THR A 381 21.74 14.93 4.92
CA THR A 381 20.92 15.64 5.94
C THR A 381 20.12 14.60 6.75
N ALA A 382 19.68 13.52 6.10
CA ALA A 382 18.88 12.42 6.71
C ALA A 382 19.81 11.42 7.42
N TRP A 383 21.09 11.41 7.07
CA TRP A 383 22.04 10.35 7.46
C TRP A 383 22.44 10.48 8.94
N THR A 384 22.74 11.69 9.39
CA THR A 384 23.27 11.96 10.75
C THR A 384 22.70 13.27 11.29
N SER A 385 22.66 13.40 12.60
CA SER A 385 22.45 14.70 13.30
C SER A 385 23.59 15.63 12.90
N HIS A 386 23.29 16.91 12.76
CA HIS A 386 24.33 17.95 12.53
C HIS A 386 24.31 18.89 13.74
N HIS A 387 23.88 18.38 14.91
CA HIS A 387 23.92 19.12 16.19
C HIS A 387 25.33 19.04 16.81
N HIS A 388 26.25 18.24 16.25
CA HIS A 388 27.66 18.15 16.70
C HIS A 388 28.61 18.10 15.49
#